data_6N5P
#
_entry.id   6N5P
#
_cell.length_a   114.800
_cell.length_b   114.800
_cell.length_c   115.570
_cell.angle_alpha   90.000
_cell.angle_beta   90.000
_cell.angle_gamma   120.000
#
_symmetry.space_group_name_H-M   'P 31 2 1'
#
loop_
_entity.id
_entity.type
_entity.pdbx_description
1 polymer 'RNA (127-MER)'
2 non-polymer "(2R,3R,3aS,5R,7aR,9R,10R,10aS,12R,14aR)-2,9-bis(6-amino-9H-purin-9-yl)octahydro-2H,7H-difuro[3,2-d:3',2'-j][1,3,7,9,2,8 ]tetraoxadiphosphacyclododecine-3,5,10,12-tetrol 5,12-dioxide"
3 non-polymer 'MAGNESIUM ION'
4 non-polymer 'POTASSIUM ION'
5 non-polymer 'SULFATE ION'
6 water water
#
_entity_poly.entity_id   1
_entity_poly.type   'polyribonucleotide'
_entity_poly.pdbx_seq_one_letter_code
;(GTP)GUUGCCGAAUCCAUGUCGUUUGGUACGGAGGAACCGCUUUUUGGGGUUAAUCUGCAGUGAAGCUGCAGUAGGGAU
ACCUUCUGUCCCGCACCCGACAGCUAACUCCGGAGGCAAUAAAGGAAGGAG
;
_entity_poly.pdbx_strand_id   A
#
loop_
_chem_comp.id
_chem_comp.type
_chem_comp.name
_chem_comp.formula
2BA non-polymer '(2R,3R,3aS,5R,7aR,9R,10R,10aS,12R,14aR)-2,9-bis(6-amino-9H-purin-9-yl)octahydro-2H,7H-difuro[3,2-d:3',2'-j][1,3,7,9,2,8 ]tetraoxadiphosphacyclododecine-3,5,10,12-tetrol 5,12-dioxide' 'C20 H24 N10 O12 P2'
A RNA linking ADENOSINE-5'-MONOPHOSPHATE 'C10 H14 N5 O7 P'
C RNA linking CYTIDINE-5'-MONOPHOSPHATE 'C9 H14 N3 O8 P'
G RNA linking GUANOSINE-5'-MONOPHOSPHATE 'C10 H14 N5 O8 P'
GTP non-polymer GUANOSINE-5'-TRIPHOSPHATE 'C10 H16 N5 O14 P3'
K non-polymer 'POTASSIUM ION' 'K 1'
MG non-polymer 'MAGNESIUM ION' 'Mg 2'
SO4 non-polymer 'SULFATE ION' 'O4 S -2'
U RNA linking URIDINE-5'-MONOPHOSPHATE 'C9 H13 N2 O9 P'
#
# COMPACT_ATOMS: atom_id res chain seq x y z
O3B GTP A 1 -2.15 7.41 10.90
PB GTP A 1 -1.96 6.97 12.32
O1B GTP A 1 -2.57 8.10 13.30
O2B GTP A 1 -2.59 5.61 12.57
O3A GTP A 1 -0.39 6.90 12.67
PA GTP A 1 0.12 6.42 14.11
O1A GTP A 1 1.63 6.34 14.12
O2A GTP A 1 -0.40 7.28 15.24
O5' GTP A 1 -0.49 4.94 14.29
C5' GTP A 1 0.32 4.01 14.97
C4' GTP A 1 0.38 2.63 14.33
O4' GTP A 1 -0.15 2.58 13.03
C3' GTP A 1 1.82 2.18 14.21
O3' GTP A 1 2.30 1.61 15.42
C2' GTP A 1 1.72 1.18 13.09
O2' GTP A 1 1.30 -0.07 13.58
C1' GTP A 1 0.62 1.73 12.19
N9 GTP A 1 1.29 2.55 11.16
C8 GTP A 1 0.99 3.86 10.88
N7 GTP A 1 1.80 4.28 9.88
C5 GTP A 1 2.59 3.26 9.52
C6 GTP A 1 3.59 3.15 8.55
O6 GTP A 1 3.89 4.11 7.83
N1 GTP A 1 4.25 1.96 8.41
C2 GTP A 1 3.93 0.88 9.19
N2 GTP A 1 4.58 -0.26 9.03
N3 GTP A 1 2.95 1.00 10.15
C4 GTP A 1 2.29 2.17 10.31
P 2BA B . 12.13 10.19 -5.13
O1P 2BA B . 10.90 10.89 -4.63
O2P 2BA B . 13.19 10.94 -5.88
O5' 2BA B . 12.83 9.47 -3.88
C5' 2BA B . 13.67 8.36 -4.15
C4' 2BA B . 14.09 7.65 -2.87
O4' 2BA B . 14.40 8.63 -1.88
C3' 2BA B . 12.99 6.82 -2.26
O3' 2BA B . 13.08 5.47 -2.67
C2' 2BA B . 13.20 6.95 -0.77
O2' 2BA B . 13.93 5.81 -0.34
C1' 2BA B . 14.05 8.19 -0.58
N9 2BA B . 13.26 9.31 -0.04
C8 2BA B . 12.36 10.05 -0.74
N7 2BA B . 11.81 11.00 0.06
C5 2BA B . 12.37 10.89 1.28
C6 2BA B . 12.26 11.59 2.57
N6 2BA B . 11.41 12.63 2.73
N1 2BA B . 13.01 11.14 3.59
C2 2BA B . 13.87 10.11 3.44
N3 2BA B . 14.04 9.43 2.29
C4 2BA B . 13.32 9.77 1.20
P1 2BA B . 11.75 4.98 -3.39
O1P1 2BA B . 10.64 5.45 -2.48
O2P1 2BA B . 11.85 3.56 -3.87
O5'1 2BA B . 11.79 5.94 -4.66
C5'1 2BA B . 10.94 5.63 -5.73
C4'1 2BA B . 10.75 6.85 -6.62
O4'1 2BA B . 9.53 6.63 -7.31
C3'1 2BA B . 10.59 8.13 -5.82
O3'1 2BA B . 11.68 8.99 -6.10
C2'1 2BA B . 9.31 8.74 -6.33
O2'1 2BA B . 9.64 9.77 -7.27
C1'1 2BA B . 8.57 7.62 -7.02
N91 2BA B . 7.56 7.10 -6.07
C81 2BA B . 7.80 6.71 -4.80
N71 2BA B . 6.66 6.32 -4.16
C51 2BA B . 5.68 6.47 -5.03
C61 2BA B . 4.23 6.23 -5.00
N61 2BA B . 3.65 5.75 -3.87
N11 2BA B . 3.53 6.50 -6.12
C21 2BA B . 4.13 6.98 -7.23
N31 2BA B . 5.45 7.23 -7.33
C41 2BA B . 6.26 6.99 -6.28
P 2BA C . -8.65 -12.71 -2.45
O1P 2BA C . -9.40 -11.45 -2.08
O2P 2BA C . -9.20 -14.04 -1.99
O5' 2BA C . -8.49 -12.80 -4.04
C5' 2BA C . -7.48 -13.65 -4.59
C4' 2BA C . -7.35 -13.35 -6.07
O4' 2BA C . -8.66 -13.28 -6.64
C3' 2BA C . -6.76 -11.99 -6.34
O3' 2BA C . -5.37 -12.11 -6.56
C2' 2BA C . -7.41 -11.52 -7.61
O2' 2BA C . -6.53 -11.90 -8.65
C1' 2BA C . -8.68 -12.35 -7.71
N9 2BA C . -9.91 -11.56 -7.48
C8 2BA C . -10.36 -11.12 -6.30
N7 2BA C . -11.53 -10.43 -6.44
C5 2BA C . -11.84 -10.44 -7.75
C6 2BA C . -12.92 -9.90 -8.58
N6 2BA C . -13.94 -9.20 -8.04
N1 2BA C . -12.85 -10.14 -9.90
C2 2BA C . -11.83 -10.82 -10.44
N3 2BA C . -10.81 -11.34 -9.76
C4 2BA C . -10.76 -11.17 -8.42
P1 2BA C . -4.45 -11.12 -5.70
O1P1 2BA C . -4.95 -9.74 -5.98
O2P1 2BA C . -3.01 -11.54 -5.88
O5'1 2BA C . -4.94 -11.62 -4.28
C5'1 2BA C . -4.06 -11.60 -3.18
C4'1 2BA C . -4.86 -11.72 -1.91
O4'1 2BA C . -4.31 -10.76 -1.01
C3'1 2BA C . -6.34 -11.40 -2.06
O3'1 2BA C . -7.12 -12.58 -1.94
C2'1 2BA C . -6.65 -10.51 -0.88
O2'1 2BA C . -7.21 -11.33 0.16
C1'1 2BA C . -5.32 -9.99 -0.40
N91 2BA C . -5.14 -8.59 -0.87
C81 2BA C . -5.21 -8.16 -2.14
N71 2BA C . -5.00 -6.81 -2.23
C51 2BA C . -4.79 -6.37 -0.98
C61 2BA C . -4.50 -5.06 -0.37
N61 2BA C . -4.42 -3.95 -1.12
N11 2BA C . -4.35 -5.04 0.98
C21 2BA C . -4.44 -6.14 1.72
N31 2BA C . -4.71 -7.37 1.24
C41 2BA C . -4.88 -7.54 -0.09
MG MG D . -19.58 -7.40 -6.01
MG MG E . -12.65 -0.99 -5.25
K K F . 2.20 -1.75 16.71
MG MG G . -24.50 -9.46 -8.52
MG MG H . 2.40 9.32 1.57
S SO4 I . -25.25 1.95 -1.56
O1 SO4 I . -23.81 1.93 -1.81
O2 SO4 I . -25.65 3.34 -1.31
O3 SO4 I . -25.60 1.12 -0.41
O4 SO4 I . -25.96 1.45 -2.73
#